data_7JYE
#
_entry.id   7JYE
#
_cell.length_a   89.240
_cell.length_b   89.240
_cell.length_c   106.537
_cell.angle_alpha   90.000
_cell.angle_beta   90.000
_cell.angle_gamma   120.000
#
_symmetry.space_group_name_H-M   'P 32 2 1'
#
loop_
_entity.id
_entity.type
_entity.pdbx_description
1 polymer 'Nuclear receptor subfamily 5 group A member 2'
2 polymer 'Nuclear receptor coactivator 2'
3 non-polymer '9-[(3~{a}~{R},6~{R},6~{a}~{R})-6-oxidanyl-3-phenyl-3~{a}-(1-phenylethenyl)-4,5,6,6~{a}-tetrahydro-1~{H}-pentalen-2-yl]nonyl 2-(trimethyl-$l^{4}-azanyl)ethyl hydrogen phosphate'
4 water water
#
loop_
_entity_poly.entity_id
_entity_poly.type
_entity_poly.pdbx_seq_one_letter_code
_entity_poly.pdbx_strand_id
1 'polypeptide(L)'
;SNAASIPHLILELLKCEPDEPQVQAKIMAYLQQEQANRSKHEKLSTFGLMCKMADQTLFSIVEWARSSIFFRELKVDDQM
KLLQNCWSELLILDHIYRQVVHGKEGSIFLVTGQQVDYSIIASQAGATLNNLMSHAQELVAKLRSLQFDQREFVCLKFLV
LFSLDVKNLENFQLVEGVQEQVNAALLDYTMCNYPQQTEKFGQLLLRLPEIRAISMQAEEYLYYKHLNGDVPYNNLLIEM
LHAKRA
;
A
2 'polypeptide(L)' KENALLRYLLDK C
#
# COMPACT_ATOMS: atom_id res chain seq x y z
N ALA A 4 -9.24 -24.91 -9.19
CA ALA A 4 -9.01 -23.50 -8.87
C ALA A 4 -10.13 -22.63 -9.40
N SER A 5 -11.08 -22.29 -8.53
CA SER A 5 -12.22 -21.47 -8.89
C SER A 5 -11.91 -20.00 -8.63
N ILE A 6 -12.19 -19.16 -9.61
CA ILE A 6 -11.94 -17.72 -9.50
C ILE A 6 -13.19 -16.96 -9.96
N PRO A 7 -13.87 -16.25 -9.06
CA PRO A 7 -15.05 -15.49 -9.49
C PRO A 7 -14.67 -14.48 -10.57
N HIS A 8 -15.58 -14.30 -11.53
CA HIS A 8 -15.33 -13.36 -12.62
C HIS A 8 -14.99 -11.97 -12.11
N LEU A 9 -15.58 -11.56 -10.99
CA LEU A 9 -15.27 -10.26 -10.42
C LEU A 9 -13.80 -10.17 -10.05
N ILE A 10 -13.28 -11.17 -9.34
CA ILE A 10 -11.87 -11.17 -8.96
C ILE A 10 -10.99 -11.12 -10.21
N LEU A 11 -11.41 -11.81 -11.27
CA LEU A 11 -10.63 -11.79 -12.51
C LEU A 11 -10.49 -10.37 -13.05
N GLU A 12 -11.56 -9.58 -12.99
CA GLU A 12 -11.49 -8.20 -13.46
C GLU A 12 -10.57 -7.36 -12.59
N LEU A 13 -10.46 -7.69 -11.30
CA LEU A 13 -9.60 -6.92 -10.41
C LEU A 13 -8.13 -7.14 -10.70
N LEU A 14 -7.74 -8.39 -10.97
CA LEU A 14 -6.34 -8.69 -11.23
C LEU A 14 -5.81 -8.00 -12.49
N LYS A 15 -6.70 -7.58 -13.39
CA LYS A 15 -6.25 -6.95 -14.63
C LYS A 15 -5.71 -5.54 -14.39
N CYS A 16 -6.01 -4.93 -13.24
CA CYS A 16 -5.49 -3.61 -12.91
C CYS A 16 -4.13 -3.67 -12.22
N GLU A 17 -3.65 -4.86 -11.89
CA GLU A 17 -2.33 -4.98 -11.28
C GLU A 17 -1.25 -4.66 -12.31
N PRO A 18 -0.29 -3.79 -11.99
CA PRO A 18 0.79 -3.50 -12.94
C PRO A 18 1.76 -4.67 -13.02
N ASP A 19 2.68 -4.57 -13.98
CA ASP A 19 3.72 -5.58 -14.16
C ASP A 19 4.84 -5.28 -13.18
N GLU A 20 4.88 -6.03 -12.08
CA GLU A 20 5.91 -5.82 -11.06
C GLU A 20 7.33 -5.88 -11.61
N PRO A 21 7.69 -6.86 -12.44
CA PRO A 21 9.09 -6.93 -12.91
C PRO A 21 9.59 -5.65 -13.54
N GLN A 22 8.74 -4.90 -14.23
CA GLN A 22 9.18 -3.66 -14.87
C GLN A 22 9.14 -2.48 -13.91
N VAL A 23 8.09 -2.34 -13.12
CA VAL A 23 8.02 -1.24 -12.16
C VAL A 23 9.17 -1.31 -11.18
N GLN A 24 9.63 -2.53 -10.85
CA GLN A 24 10.83 -2.66 -10.05
C GLN A 24 12.03 -2.07 -10.77
N ALA A 25 12.14 -2.34 -12.08
CA ALA A 25 13.20 -1.72 -12.87
C ALA A 25 12.99 -0.22 -12.99
N LYS A 26 11.74 0.23 -13.08
CA LYS A 26 11.45 1.66 -13.15
C LYS A 26 11.93 2.37 -11.90
N ILE A 27 11.67 1.80 -10.72
CA ILE A 27 11.97 2.48 -9.47
C ILE A 27 13.47 2.51 -9.22
N MET A 28 14.12 1.35 -9.31
CA MET A 28 15.55 1.30 -9.01
C MET A 28 16.37 2.02 -10.07
N ALA A 29 15.95 1.94 -11.33
CA ALA A 29 16.59 2.74 -12.36
C ALA A 29 16.42 4.23 -12.08
N TYR A 30 15.36 4.61 -11.38
CA TYR A 30 15.15 6.00 -11.00
C TYR A 30 16.01 6.39 -9.82
N LEU A 31 16.03 5.54 -8.78
CA LEU A 31 16.82 5.86 -7.59
C LEU A 31 18.30 5.93 -7.91
N GLN A 32 18.80 4.98 -8.72
CA GLN A 32 20.23 4.96 -9.05
C GLN A 32 20.66 6.28 -9.67
N GLN A 33 19.90 6.79 -10.64
CA GLN A 33 20.27 8.04 -11.28
C GLN A 33 20.31 9.19 -10.28
N GLU A 34 19.35 9.22 -9.35
CA GLU A 34 19.32 10.29 -8.34
C GLU A 34 20.62 10.33 -7.55
N GLN A 35 21.00 9.20 -6.95
CA GLN A 35 22.25 9.16 -6.20
C GLN A 35 23.44 9.49 -7.07
N ALA A 36 23.42 9.04 -8.33
CA ALA A 36 24.56 9.27 -9.22
C ALA A 36 24.75 10.75 -9.54
N ASN A 37 23.67 11.53 -9.50
CA ASN A 37 23.73 12.96 -9.77
C ASN A 37 24.21 13.77 -8.58
N ARG A 38 24.88 13.15 -7.62
CA ARG A 38 25.28 13.84 -6.39
C ARG A 38 26.65 13.37 -5.94
N SER A 39 27.46 14.31 -5.47
CA SER A 39 28.65 13.96 -4.72
C SER A 39 28.26 13.36 -3.36
N LYS A 40 29.22 12.76 -2.65
CA LYS A 40 28.91 11.98 -1.47
C LYS A 40 28.60 12.82 -0.23
N HIS A 41 28.71 14.15 -0.35
CA HIS A 41 28.11 15.06 0.62
C HIS A 41 26.62 15.26 0.36
N GLU A 42 26.22 15.12 -0.90
CA GLU A 42 24.82 15.23 -1.30
C GLU A 42 24.03 13.93 -1.19
N LYS A 43 24.70 12.78 -1.12
CA LYS A 43 24.01 11.51 -1.18
C LYS A 43 22.93 11.42 -0.11
N LEU A 44 21.87 10.69 -0.45
CA LEU A 44 20.69 10.58 0.42
C LEU A 44 20.91 9.55 1.52
N SER A 45 20.34 9.84 2.69
CA SER A 45 20.41 8.92 3.81
C SER A 45 19.54 7.68 3.54
N THR A 46 19.60 6.72 4.46
CA THR A 46 18.73 5.55 4.34
C THR A 46 17.26 5.95 4.46
N PHE A 47 16.96 6.90 5.34
CA PHE A 47 15.59 7.41 5.43
C PHE A 47 15.19 8.13 4.16
N GLY A 48 16.06 9.03 3.68
CA GLY A 48 15.76 9.74 2.45
C GLY A 48 15.46 8.82 1.29
N LEU A 49 16.14 7.67 1.23
CA LEU A 49 15.89 6.71 0.16
C LEU A 49 14.57 5.99 0.36
N MET A 50 14.29 5.53 1.58
CA MET A 50 13.02 4.88 1.85
C MET A 50 11.85 5.80 1.53
N CYS A 51 12.00 7.09 1.79
CA CYS A 51 10.94 8.04 1.45
C CYS A 51 10.64 8.00 -0.05
N LYS A 52 11.69 7.91 -0.88
CA LYS A 52 11.51 8.01 -2.32
C LYS A 52 10.87 6.75 -2.90
N MET A 53 11.24 5.58 -2.36
CA MET A 53 10.62 4.34 -2.83
C MET A 53 9.11 4.37 -2.59
N ALA A 54 8.68 4.90 -1.44
CA ALA A 54 7.26 5.01 -1.17
C ALA A 54 6.58 5.96 -2.14
N ASP A 55 7.19 7.10 -2.41
CA ASP A 55 6.63 8.04 -3.38
C ASP A 55 6.42 7.35 -4.73
N GLN A 56 7.44 6.66 -5.23
CA GLN A 56 7.29 5.92 -6.48
C GLN A 56 6.20 4.88 -6.36
N THR A 57 6.14 4.16 -5.23
CA THR A 57 5.07 3.20 -5.01
C THR A 57 3.70 3.87 -5.10
N LEU A 58 3.59 5.09 -4.59
CA LEU A 58 2.33 5.82 -4.68
C LEU A 58 1.98 6.13 -6.12
N PHE A 59 2.96 6.58 -6.91
CA PHE A 59 2.74 6.76 -8.34
C PHE A 59 2.17 5.49 -8.96
N SER A 60 2.71 4.33 -8.55
CA SER A 60 2.15 3.06 -8.99
C SER A 60 0.73 2.87 -8.47
N ILE A 61 0.50 3.26 -7.20
CA ILE A 61 -0.82 3.08 -6.61
C ILE A 61 -1.86 3.94 -7.32
N VAL A 62 -1.52 5.21 -7.58
CA VAL A 62 -2.44 6.10 -8.27
C VAL A 62 -2.75 5.58 -9.66
N GLU A 63 -1.70 5.27 -10.44
CA GLU A 63 -1.92 4.69 -11.76
C GLU A 63 -2.71 3.40 -11.67
N TRP A 64 -2.48 2.61 -10.61
CA TRP A 64 -3.28 1.41 -10.40
C TRP A 64 -4.73 1.76 -10.12
N ALA A 65 -4.96 2.71 -9.21
CA ALA A 65 -6.32 3.12 -8.90
C ALA A 65 -7.02 3.70 -10.13
N ARG A 66 -6.29 4.53 -10.89
CA ARG A 66 -6.87 5.09 -12.11
C ARG A 66 -7.22 4.01 -13.12
N SER A 67 -6.60 2.84 -13.03
CA SER A 67 -6.91 1.73 -13.94
C SER A 67 -8.20 1.02 -13.57
N SER A 68 -8.73 1.24 -12.37
CA SER A 68 -9.96 0.59 -11.94
C SER A 68 -11.17 1.27 -12.58
N ILE A 69 -12.07 0.46 -13.13
CA ILE A 69 -13.28 1.00 -13.74
C ILE A 69 -14.17 1.66 -12.69
N PHE A 70 -14.32 1.01 -11.53
CA PHE A 70 -15.14 1.56 -10.48
C PHE A 70 -14.64 2.93 -10.03
N PHE A 71 -13.32 3.08 -9.93
CA PHE A 71 -12.75 4.34 -9.47
C PHE A 71 -13.03 5.46 -10.47
N ARG A 72 -12.85 5.19 -11.76
CA ARG A 72 -13.06 6.22 -12.77
C ARG A 72 -14.51 6.66 -12.87
N GLU A 73 -15.45 5.85 -12.37
CA GLU A 73 -16.85 6.24 -12.37
C GLU A 73 -17.14 7.37 -11.37
N LEU A 74 -16.19 7.71 -10.52
CA LEU A 74 -16.34 8.80 -9.58
C LEU A 74 -15.75 10.08 -10.15
N LYS A 75 -16.25 11.21 -9.67
CA LYS A 75 -15.62 12.48 -9.98
C LYS A 75 -14.35 12.64 -9.16
N VAL A 76 -13.43 13.48 -9.66
CA VAL A 76 -12.14 13.65 -9.00
C VAL A 76 -12.31 14.00 -7.53
N ASP A 77 -13.38 14.73 -7.19
CA ASP A 77 -13.63 15.07 -5.79
C ASP A 77 -13.73 13.82 -4.94
N ASP A 78 -14.67 12.93 -5.26
CA ASP A 78 -14.79 11.68 -4.52
C ASP A 78 -13.53 10.84 -4.62
N GLN A 79 -12.83 10.89 -5.75
CA GLN A 79 -11.61 10.10 -5.92
C GLN A 79 -10.53 10.57 -4.95
N MET A 80 -10.33 11.89 -4.86
CA MET A 80 -9.32 12.42 -3.95
C MET A 80 -9.64 12.07 -2.49
N LYS A 81 -10.92 12.01 -2.14
CA LYS A 81 -11.29 11.71 -0.76
C LYS A 81 -11.00 10.26 -0.40
N LEU A 82 -11.15 9.34 -1.34
CA LEU A 82 -10.88 7.93 -1.05
C LEU A 82 -9.38 7.66 -0.96
N LEU A 83 -8.58 8.33 -1.80
CA LEU A 83 -7.14 8.13 -1.75
C LEU A 83 -6.53 8.78 -0.51
N GLN A 84 -6.99 9.98 -0.16
CA GLN A 84 -6.51 10.66 1.05
C GLN A 84 -6.89 9.94 2.32
N ASN A 85 -7.67 8.86 2.23
CA ASN A 85 -8.08 8.09 3.40
C ASN A 85 -7.44 6.71 3.46
N CYS A 86 -6.88 6.22 2.37
CA CYS A 86 -6.33 4.86 2.32
C CYS A 86 -4.91 4.78 1.77
N TRP A 87 -4.33 5.90 1.34
CA TRP A 87 -3.03 5.84 0.68
C TRP A 87 -1.96 5.25 1.61
N SER A 88 -2.04 5.54 2.91
CA SER A 88 -1.06 5.01 3.84
C SER A 88 -1.31 3.53 4.11
N GLU A 89 -2.58 3.13 4.21
CA GLU A 89 -2.89 1.72 4.46
C GLU A 89 -2.58 0.85 3.25
N LEU A 90 -2.74 1.39 2.04
CA LEU A 90 -2.36 0.64 0.85
C LEU A 90 -0.86 0.43 0.77
N LEU A 91 -0.08 1.47 1.10
CA LEU A 91 1.38 1.35 1.06
C LEU A 91 1.85 0.27 2.01
N ILE A 92 1.35 0.27 3.25
CA ILE A 92 1.71 -0.78 4.20
C ILE A 92 1.28 -2.14 3.68
N LEU A 93 0.07 -2.23 3.14
CA LEU A 93 -0.44 -3.50 2.62
C LEU A 93 0.47 -4.04 1.52
N ASP A 94 0.83 -3.18 0.56
CA ASP A 94 1.69 -3.62 -0.53
C ASP A 94 3.04 -4.08 -0.02
N HIS A 95 3.59 -3.39 0.99
CA HIS A 95 4.85 -3.82 1.57
C HIS A 95 4.70 -5.18 2.24
N ILE A 96 3.62 -5.38 2.99
CA ILE A 96 3.40 -6.66 3.66
C ILE A 96 3.32 -7.79 2.63
N TYR A 97 2.50 -7.59 1.59
CA TYR A 97 2.36 -8.61 0.57
C TYR A 97 3.68 -8.90 -0.13
N ARG A 98 4.55 -7.89 -0.25
CA ARG A 98 5.86 -8.11 -0.87
C ARG A 98 6.70 -9.07 -0.03
N GLN A 99 6.57 -9.02 1.30
CA GLN A 99 7.31 -9.94 2.14
C GLN A 99 6.72 -11.34 2.09
N VAL A 100 5.39 -11.44 2.14
CA VAL A 100 4.75 -12.75 2.09
C VAL A 100 5.12 -13.47 0.80
N VAL A 101 5.24 -12.74 -0.31
CA VAL A 101 5.54 -13.32 -1.60
C VAL A 101 7.03 -13.61 -1.72
N HIS A 102 7.83 -12.56 -1.82
CA HIS A 102 9.26 -12.70 -2.09
C HIS A 102 10.11 -12.64 -0.82
N GLY A 103 9.52 -12.38 0.34
CA GLY A 103 10.29 -12.18 1.54
C GLY A 103 10.51 -13.46 2.35
N LYS A 104 11.64 -13.50 3.05
CA LYS A 104 11.97 -14.58 3.97
C LYS A 104 12.27 -13.97 5.33
N GLU A 105 11.88 -14.69 6.38
CA GLU A 105 12.06 -14.18 7.74
C GLU A 105 13.50 -13.75 7.97
N GLY A 106 13.66 -12.65 8.70
CA GLY A 106 14.97 -12.05 8.89
C GLY A 106 15.45 -11.21 7.73
N SER A 107 14.63 -11.04 6.68
CA SER A 107 14.99 -10.26 5.52
C SER A 107 13.82 -9.38 5.12
N ILE A 108 14.13 -8.26 4.47
CA ILE A 108 13.13 -7.32 4.00
C ILE A 108 13.32 -7.13 2.50
N PHE A 109 12.21 -7.15 1.76
CA PHE A 109 12.23 -6.98 0.31
C PHE A 109 11.56 -5.67 -0.05
N LEU A 110 12.22 -4.89 -0.90
CA LEU A 110 11.75 -3.57 -1.29
C LEU A 110 11.04 -3.62 -2.64
N VAL A 111 10.34 -2.52 -2.95
CA VAL A 111 9.63 -2.44 -4.22
C VAL A 111 10.58 -2.65 -5.38
N THR A 112 11.83 -2.19 -5.26
CA THR A 112 12.82 -2.40 -6.30
C THR A 112 13.27 -3.85 -6.39
N GLY A 113 12.81 -4.72 -5.51
CA GLY A 113 13.27 -6.09 -5.46
C GLY A 113 14.53 -6.31 -4.64
N GLN A 114 15.08 -5.26 -4.04
CA GLN A 114 16.28 -5.40 -3.23
C GLN A 114 15.97 -6.13 -1.92
N GLN A 115 16.83 -7.08 -1.58
CA GLN A 115 16.68 -7.88 -0.36
C GLN A 115 17.70 -7.39 0.66
N VAL A 116 17.22 -6.76 1.74
CA VAL A 116 18.08 -6.28 2.80
C VAL A 116 17.78 -7.06 4.07
N ASP A 117 18.77 -7.11 4.95
CA ASP A 117 18.61 -7.79 6.23
C ASP A 117 17.79 -6.93 7.18
N TYR A 118 16.82 -7.55 7.86
CA TYR A 118 15.99 -6.82 8.81
C TYR A 118 16.83 -6.18 9.90
N SER A 119 17.79 -6.94 10.45
CA SER A 119 18.63 -6.40 11.52
C SER A 119 19.37 -5.15 11.07
N ILE A 120 19.89 -5.16 9.83
CA ILE A 120 20.64 -4.01 9.33
C ILE A 120 19.75 -2.77 9.27
N ILE A 121 18.55 -2.92 8.68
CA ILE A 121 17.66 -1.77 8.53
C ILE A 121 17.05 -1.37 9.86
N ALA A 122 16.74 -2.35 10.71
CA ALA A 122 16.10 -2.04 11.98
C ALA A 122 17.01 -1.24 12.90
N SER A 123 18.30 -1.57 12.92
CA SER A 123 19.24 -0.89 13.80
C SER A 123 19.42 0.59 13.44
N GLN A 124 18.81 1.05 12.35
CA GLN A 124 18.90 2.44 11.94
C GLN A 124 17.61 3.22 12.17
N ALA A 125 16.57 2.58 12.67
CA ALA A 125 15.27 3.22 12.86
C ALA A 125 15.02 3.52 14.32
N GLY A 126 14.23 4.57 14.57
CA GLY A 126 13.87 4.93 15.92
C GLY A 126 12.99 3.89 16.57
N ALA A 127 12.61 4.18 17.82
CA ALA A 127 11.78 3.24 18.58
C ALA A 127 10.41 3.09 17.93
N THR A 128 9.87 4.17 17.37
CA THR A 128 8.54 4.12 16.78
C THR A 128 8.52 3.25 15.54
N LEU A 129 9.49 3.42 14.65
CA LEU A 129 9.51 2.64 13.42
C LEU A 129 9.78 1.17 13.69
N ASN A 130 10.66 0.87 14.65
CA ASN A 130 10.93 -0.53 14.98
C ASN A 130 9.68 -1.24 15.45
N ASN A 131 8.89 -0.60 16.32
N ASN A 131 8.90 -0.60 16.32
CA ASN A 131 7.65 -1.21 16.78
CA ASN A 131 7.65 -1.20 16.79
C ASN A 131 6.68 -1.46 15.64
C ASN A 131 6.70 -1.46 15.63
N LEU A 132 6.63 -0.53 14.68
CA LEU A 132 5.74 -0.71 13.53
C LEU A 132 6.29 -1.77 12.57
N MET A 133 7.60 -1.74 12.32
CA MET A 133 8.19 -2.72 11.42
C MET A 133 7.99 -4.14 11.94
N SER A 134 8.36 -4.38 13.20
CA SER A 134 8.18 -5.71 13.77
C SER A 134 6.70 -6.11 13.78
N HIS A 135 5.83 -5.19 14.19
CA HIS A 135 4.40 -5.46 14.16
C HIS A 135 3.95 -5.88 12.77
N ALA A 136 4.50 -5.24 11.74
CA ALA A 136 4.21 -5.65 10.37
C ALA A 136 4.76 -7.05 10.09
N GLN A 137 5.98 -7.32 10.56
CA GLN A 137 6.54 -8.65 10.42
C GLN A 137 5.61 -9.71 11.01
N GLU A 138 5.02 -9.41 12.17
CA GLU A 138 4.09 -10.34 12.79
C GLU A 138 2.91 -10.63 11.87
N LEU A 139 2.36 -9.59 11.25
CA LEU A 139 1.26 -9.79 10.31
C LEU A 139 1.72 -10.55 9.08
N VAL A 140 2.93 -10.29 8.60
CA VAL A 140 3.45 -11.00 7.44
C VAL A 140 3.50 -12.49 7.71
N ALA A 141 3.86 -12.88 8.93
CA ALA A 141 3.94 -14.29 9.27
C ALA A 141 2.56 -14.93 9.29
N LYS A 142 1.61 -14.29 9.96
CA LYS A 142 0.26 -14.85 10.05
C LYS A 142 -0.35 -15.07 8.67
N LEU A 143 -0.12 -14.12 7.75
CA LEU A 143 -0.70 -14.25 6.41
C LEU A 143 -0.07 -15.40 5.63
N ARG A 144 1.23 -15.63 5.82
CA ARG A 144 1.88 -16.74 5.11
C ARG A 144 1.30 -18.08 5.55
N SER A 145 0.99 -18.23 6.84
CA SER A 145 0.38 -19.47 7.31
C SER A 145 -1.00 -19.67 6.68
N LEU A 146 -1.76 -18.59 6.51
CA LEU A 146 -3.06 -18.67 5.88
C LEU A 146 -2.97 -18.86 4.37
N GLN A 147 -1.77 -18.95 3.81
CA GLN A 147 -1.59 -19.11 2.36
C GLN A 147 -2.24 -17.96 1.60
N PHE A 148 -2.07 -16.75 2.12
CA PHE A 148 -2.61 -15.55 1.47
C PHE A 148 -2.13 -15.48 0.03
N ASP A 149 -3.08 -15.53 -0.90
CA ASP A 149 -2.76 -15.56 -2.33
C ASP A 149 -2.99 -14.19 -2.96
N GLN A 150 -2.60 -14.10 -4.24
CA GLN A 150 -2.73 -12.84 -4.97
C GLN A 150 -4.19 -12.45 -5.16
N ARG A 151 -5.05 -13.43 -5.44
CA ARG A 151 -6.46 -13.14 -5.65
C ARG A 151 -7.08 -12.45 -4.44
N GLU A 152 -6.75 -12.92 -3.24
CA GLU A 152 -7.25 -12.29 -2.02
C GLU A 152 -6.53 -10.99 -1.73
N PHE A 153 -5.29 -10.84 -2.20
CA PHE A 153 -4.56 -9.60 -2.01
C PHE A 153 -5.25 -8.43 -2.70
N VAL A 154 -5.63 -8.63 -3.97
CA VAL A 154 -6.29 -7.56 -4.72
C VAL A 154 -7.62 -7.20 -4.09
N CYS A 155 -8.33 -8.20 -3.56
CA CYS A 155 -9.61 -7.92 -2.92
C CYS A 155 -9.44 -6.97 -1.74
N LEU A 156 -8.46 -7.24 -0.88
CA LEU A 156 -8.22 -6.36 0.25
C LEU A 156 -7.87 -4.95 -0.19
N LYS A 157 -7.16 -4.81 -1.30
CA LYS A 157 -6.83 -3.48 -1.81
C LYS A 157 -8.09 -2.68 -2.11
N PHE A 158 -8.99 -3.25 -2.91
CA PHE A 158 -10.23 -2.55 -3.22
C PHE A 158 -11.06 -2.30 -1.96
N LEU A 159 -11.13 -3.31 -1.07
CA LEU A 159 -11.80 -3.10 0.20
C LEU A 159 -11.20 -1.92 0.95
N VAL A 160 -9.87 -1.79 0.92
CA VAL A 160 -9.22 -0.64 1.54
C VAL A 160 -9.56 0.64 0.77
N LEU A 161 -9.47 0.58 -0.56
CA LEU A 161 -9.71 1.77 -1.37
C LEU A 161 -11.14 2.28 -1.17
N PHE A 162 -12.12 1.40 -1.29
CA PHE A 162 -13.53 1.79 -1.16
C PHE A 162 -13.97 1.57 0.27
N SER A 163 -13.67 2.56 1.11
CA SER A 163 -13.98 2.52 2.53
C SER A 163 -15.39 2.99 2.79
N LEU A 164 -16.09 2.31 3.69
CA LEU A 164 -17.39 2.76 4.16
C LEU A 164 -17.28 3.87 5.18
N ASP A 165 -16.10 4.09 5.76
CA ASP A 165 -15.87 5.16 6.71
C ASP A 165 -15.54 6.49 6.04
N VAL A 166 -15.52 6.54 4.71
CA VAL A 166 -15.30 7.79 3.99
C VAL A 166 -16.60 8.57 3.96
N LYS A 167 -16.56 9.82 4.44
CA LYS A 167 -17.74 10.66 4.53
C LYS A 167 -17.61 11.85 3.59
N ASN A 168 -18.77 12.39 3.20
CA ASN A 168 -18.83 13.52 2.28
C ASN A 168 -18.56 13.08 0.84
N LEU A 169 -19.05 11.90 0.47
CA LEU A 169 -18.92 11.40 -0.88
C LEU A 169 -20.16 11.75 -1.70
N GLU A 170 -19.94 12.08 -2.97
CA GLU A 170 -21.08 12.36 -3.85
C GLU A 170 -21.82 11.07 -4.20
N ASN A 171 -21.09 9.99 -4.46
CA ASN A 171 -21.69 8.72 -4.84
C ASN A 171 -21.34 7.62 -3.84
N PHE A 172 -21.81 7.77 -2.59
CA PHE A 172 -21.54 6.76 -1.57
C PHE A 172 -22.12 5.42 -1.95
N GLN A 173 -23.34 5.42 -2.49
CA GLN A 173 -23.97 4.17 -2.89
C GLN A 173 -23.07 3.35 -3.80
N LEU A 174 -22.34 4.03 -4.70
CA LEU A 174 -21.38 3.32 -5.54
C LEU A 174 -20.30 2.65 -4.69
N VAL A 175 -19.82 3.36 -3.66
CA VAL A 175 -18.81 2.77 -2.78
C VAL A 175 -19.38 1.60 -2.02
N GLU A 176 -20.65 1.68 -1.63
CA GLU A 176 -21.28 0.60 -0.87
C GLU A 176 -21.41 -0.66 -1.73
N GLY A 177 -21.92 -0.52 -2.94
CA GLY A 177 -22.05 -1.68 -3.81
C GLY A 177 -20.73 -2.37 -4.06
N VAL A 178 -19.66 -1.60 -4.25
CA VAL A 178 -18.35 -2.20 -4.47
C VAL A 178 -17.89 -2.95 -3.21
N GLN A 179 -18.14 -2.38 -2.03
CA GLN A 179 -17.78 -3.04 -0.80
C GLN A 179 -18.46 -4.40 -0.69
N GLU A 180 -19.78 -4.44 -0.95
CA GLU A 180 -20.51 -5.70 -0.88
C GLU A 180 -20.01 -6.69 -1.92
N GLN A 181 -19.86 -6.24 -3.16
CA GLN A 181 -19.47 -7.15 -4.23
C GLN A 181 -18.08 -7.75 -3.99
N VAL A 182 -17.18 -6.97 -3.40
CA VAL A 182 -15.83 -7.48 -3.13
C VAL A 182 -15.85 -8.42 -1.93
N ASN A 183 -16.55 -8.05 -0.86
CA ASN A 183 -16.67 -8.95 0.29
C ASN A 183 -17.27 -10.28 -0.13
N ALA A 184 -18.29 -10.26 -0.98
CA ALA A 184 -18.91 -11.49 -1.44
C ALA A 184 -17.94 -12.33 -2.26
N ALA A 185 -17.29 -11.71 -3.25
CA ALA A 185 -16.38 -12.45 -4.12
C ALA A 185 -15.25 -13.08 -3.32
N LEU A 186 -14.70 -12.33 -2.36
CA LEU A 186 -13.60 -12.86 -1.56
C LEU A 186 -14.02 -14.06 -0.75
N LEU A 187 -15.15 -13.95 -0.04
CA LEU A 187 -15.64 -15.06 0.77
C LEU A 187 -15.80 -16.33 -0.07
N ASP A 188 -16.52 -16.23 -1.18
CA ASP A 188 -16.74 -17.39 -2.03
C ASP A 188 -15.42 -18.00 -2.49
N TYR A 189 -14.48 -17.15 -2.93
CA TYR A 189 -13.19 -17.65 -3.39
C TYR A 189 -12.40 -18.27 -2.23
N THR A 190 -12.41 -17.64 -1.08
CA THR A 190 -11.64 -18.14 0.06
C THR A 190 -12.16 -19.50 0.51
N MET A 191 -13.45 -19.58 0.85
CA MET A 191 -14.01 -20.84 1.31
C MET A 191 -13.93 -21.92 0.24
N CYS A 192 -13.98 -21.54 -1.04
CA CYS A 192 -13.93 -22.52 -2.11
C CYS A 192 -12.53 -23.05 -2.33
N ASN A 193 -11.56 -22.16 -2.53
CA ASN A 193 -10.19 -22.57 -2.84
C ASN A 193 -9.38 -22.91 -1.60
N TYR A 194 -9.90 -22.67 -0.40
CA TYR A 194 -9.17 -22.93 0.84
C TYR A 194 -10.10 -23.53 1.88
N PRO A 195 -10.64 -24.72 1.62
CA PRO A 195 -11.43 -25.40 2.65
C PRO A 195 -10.62 -25.86 3.84
N GLN A 196 -9.29 -25.93 3.71
CA GLN A 196 -8.45 -26.28 4.85
C GLN A 196 -8.65 -25.31 6.00
N GLN A 197 -8.54 -24.01 5.73
CA GLN A 197 -8.84 -22.98 6.71
C GLN A 197 -10.30 -22.59 6.54
N THR A 198 -11.18 -23.24 7.31
CA THR A 198 -12.59 -22.88 7.30
C THR A 198 -12.80 -21.43 7.71
N GLU A 199 -11.83 -20.83 8.39
CA GLU A 199 -11.98 -19.52 9.00
C GLU A 199 -11.08 -18.47 8.36
N LYS A 200 -10.37 -18.81 7.28
CA LYS A 200 -9.45 -17.87 6.67
C LYS A 200 -10.11 -16.52 6.39
N PHE A 201 -11.28 -16.54 5.73
CA PHE A 201 -11.96 -15.29 5.41
C PHE A 201 -12.25 -14.49 6.67
N GLY A 202 -12.87 -15.12 7.67
CA GLY A 202 -13.13 -14.42 8.92
C GLY A 202 -11.89 -13.81 9.54
N GLN A 203 -10.75 -14.48 9.38
CA GLN A 203 -9.49 -13.95 9.91
C GLN A 203 -8.87 -12.93 8.98
N LEU A 204 -9.13 -13.05 7.67
CA LEU A 204 -8.58 -12.08 6.72
C LEU A 204 -9.07 -10.67 7.06
N LEU A 205 -10.39 -10.50 7.20
CA LEU A 205 -10.92 -9.18 7.53
C LEU A 205 -10.37 -8.66 8.85
N LEU A 206 -9.98 -9.56 9.76
CA LEU A 206 -9.51 -9.13 11.07
C LEU A 206 -8.22 -8.32 10.97
N ARG A 207 -7.40 -8.56 9.95
CA ARG A 207 -6.10 -7.90 9.87
C ARG A 207 -6.21 -6.49 9.33
N LEU A 208 -7.25 -6.18 8.55
CA LEU A 208 -7.42 -4.83 8.01
C LEU A 208 -7.37 -3.77 9.09
N PRO A 209 -8.14 -3.85 10.18
CA PRO A 209 -7.99 -2.85 11.25
C PRO A 209 -6.58 -2.80 11.81
N GLU A 210 -5.88 -3.93 11.87
CA GLU A 210 -4.51 -3.93 12.37
C GLU A 210 -3.57 -3.24 11.39
N ILE A 211 -3.72 -3.51 10.09
CA ILE A 211 -2.94 -2.79 9.09
C ILE A 211 -3.34 -1.32 9.07
N ARG A 212 -4.60 -1.02 9.35
CA ARG A 212 -5.04 0.37 9.41
C ARG A 212 -4.37 1.12 10.55
N ALA A 213 -4.31 0.50 11.73
CA ALA A 213 -3.69 1.14 12.88
C ALA A 213 -2.22 1.49 12.58
N ILE A 214 -1.48 0.53 12.03
CA ILE A 214 -0.09 0.78 11.67
C ILE A 214 -0.01 1.96 10.70
N SER A 215 -0.88 1.97 9.69
CA SER A 215 -0.91 3.07 8.73
C SER A 215 -1.06 4.40 9.45
N MET A 216 -1.92 4.46 10.46
CA MET A 216 -2.16 5.71 11.17
C MET A 216 -0.91 6.18 11.89
N GLN A 217 -0.35 5.32 12.75
CA GLN A 217 0.82 5.72 13.52
C GLN A 217 1.97 6.15 12.61
N ALA A 218 2.16 5.46 11.49
CA ALA A 218 3.23 5.82 10.56
C ALA A 218 2.94 7.15 9.88
N GLU A 219 1.71 7.32 9.37
CA GLU A 219 1.36 8.57 8.70
C GLU A 219 1.56 9.77 9.62
N GLU A 220 1.18 9.64 10.89
CA GLU A 220 1.40 10.74 11.83
C GLU A 220 2.88 10.99 12.04
N TYR A 221 3.64 9.92 12.26
CA TYR A 221 5.09 10.05 12.47
C TYR A 221 5.74 10.86 11.36
N LEU A 222 5.39 10.55 10.11
CA LEU A 222 5.99 11.26 8.98
C LEU A 222 5.49 12.71 8.92
N TYR A 223 4.19 12.92 9.14
CA TYR A 223 3.68 14.28 9.17
C TYR A 223 4.47 15.15 10.14
N TYR A 224 4.83 14.59 11.30
CA TYR A 224 5.59 15.36 12.28
C TYR A 224 7.03 15.56 11.82
N LYS A 225 7.67 14.49 11.34
CA LYS A 225 9.03 14.63 10.82
C LYS A 225 9.08 15.65 9.68
N HIS A 226 8.06 15.65 8.83
CA HIS A 226 8.01 16.66 7.77
C HIS A 226 7.91 18.07 8.34
N LEU A 227 7.06 18.24 9.36
CA LEU A 227 6.98 19.53 10.03
C LEU A 227 8.32 19.90 10.65
N ASN A 228 9.04 18.92 11.18
CA ASN A 228 10.36 19.15 11.75
C ASN A 228 11.45 19.25 10.68
N GLY A 229 11.09 19.16 9.40
CA GLY A 229 12.05 19.25 8.32
C GLY A 229 12.91 18.03 8.13
N ASP A 230 12.65 16.95 8.86
CA ASP A 230 13.46 15.73 8.76
C ASP A 230 13.08 14.86 7.57
N VAL A 231 12.11 15.28 6.76
CA VAL A 231 11.62 14.50 5.63
C VAL A 231 12.08 15.20 4.34
N PRO A 232 12.86 14.54 3.50
CA PRO A 232 13.26 15.18 2.24
C PRO A 232 12.08 15.31 1.28
N TYR A 233 12.14 16.32 0.42
CA TYR A 233 11.06 16.59 -0.51
C TYR A 233 10.91 15.44 -1.50
N ASN A 234 9.70 14.89 -1.58
CA ASN A 234 9.42 13.76 -2.46
C ASN A 234 8.10 13.97 -3.19
N ASN A 235 7.85 15.20 -3.65
CA ASN A 235 6.72 15.49 -4.54
C ASN A 235 5.41 15.12 -3.85
N LEU A 236 4.58 14.25 -4.45
CA LEU A 236 3.23 14.04 -3.95
C LEU A 236 3.22 13.54 -2.50
N LEU A 237 4.23 12.77 -2.09
CA LEU A 237 4.24 12.29 -0.71
C LEU A 237 4.16 13.44 0.30
N ILE A 238 4.77 14.58 -0.03
CA ILE A 238 4.71 15.73 0.87
C ILE A 238 3.28 16.25 0.96
N GLU A 239 2.69 16.59 -0.18
CA GLU A 239 1.32 17.09 -0.18
C GLU A 239 0.33 16.07 0.35
N MET A 240 0.66 14.77 0.27
CA MET A 240 -0.19 13.76 0.89
C MET A 240 -0.34 14.03 2.39
N LEU A 241 0.77 14.18 3.10
CA LEU A 241 0.71 14.58 4.50
C LEU A 241 0.47 16.07 4.66
N HIS A 242 0.95 16.87 3.70
CA HIS A 242 0.77 18.31 3.77
C HIS A 242 -0.69 18.73 3.75
N ALA A 243 -1.58 17.85 3.29
CA ALA A 243 -3.00 18.13 3.20
C ALA A 243 -3.76 17.16 4.09
N LYS A 244 -4.63 17.70 4.94
CA LYS A 244 -5.49 16.91 5.82
C LYS A 244 -4.67 15.91 6.65
N ARG A 245 -3.47 16.31 7.03
CA ARG A 245 -2.62 15.50 7.90
C ARG A 245 -2.26 14.17 7.25
N ASN B 3 -5.19 21.00 -1.79
CA ASN B 3 -4.39 20.09 -2.61
C ASN B 3 -4.72 20.24 -4.09
N ALA B 4 -3.71 20.54 -4.89
CA ALA B 4 -3.88 20.72 -6.33
C ALA B 4 -3.09 19.72 -7.16
N LEU B 5 -1.94 19.25 -6.67
CA LEU B 5 -1.13 18.32 -7.45
C LEU B 5 -1.88 17.00 -7.66
N LEU B 6 -2.39 16.41 -6.58
CA LEU B 6 -3.14 15.16 -6.72
C LEU B 6 -4.29 15.31 -7.70
N ARG B 7 -5.03 16.41 -7.62
CA ARG B 7 -6.11 16.65 -8.57
C ARG B 7 -5.60 16.60 -10.01
N TYR B 8 -4.40 17.14 -10.25
CA TYR B 8 -3.84 17.11 -11.60
C TYR B 8 -3.62 15.67 -12.06
N LEU B 9 -3.11 14.81 -11.18
CA LEU B 9 -2.86 13.42 -11.56
C LEU B 9 -4.17 12.70 -11.89
N LEU B 10 -5.19 12.87 -11.04
CA LEU B 10 -6.49 12.29 -11.33
C LEU B 10 -7.17 13.01 -12.47
N ASP B 11 -7.24 14.35 -12.41
CA ASP B 11 -7.84 15.14 -13.47
C ASP B 11 -6.95 15.15 -14.71
N LYS B 12 -6.73 13.97 -15.28
CA LYS B 12 -5.87 13.83 -16.45
C LYS B 12 -6.30 12.65 -17.32
#